data_6MDQ
#
_entry.id   6MDQ
#
_cell.length_a   94.244
_cell.length_b   94.244
_cell.length_c   142.345
_cell.angle_alpha   90.000
_cell.angle_beta   90.000
_cell.angle_gamma   120.000
#
_symmetry.space_group_name_H-M   'P 61'
#
loop_
_entity.id
_entity.type
_entity.pdbx_description
1 polymer 'Serum albumin'
2 non-polymer 'CITRATE ANION'
3 non-polymer TESTOSTERONE
4 water water
#
_entity_poly.entity_id   1
_entity_poly.type   'polypeptide(L)'
_entity_poly.pdbx_seq_one_letter_code
;DTHKSEIAHRFNDLGEKHFKGLVLVAFSQYLQQCPFEDHVKLVNEVTEFAKKCAADESAENCDKSLHTLFGDKLCTVATL
RATYGELADCCEKQEPERNECFLTHKDDHPNLPKLKPEPDAQCAAFQEDPDKFLGKYLYEVARRHPYFYGPELLFHAEEY
KADFTECCPADDKLACLIPKLDALKERILLSSAKERLKCSSFQNFGERAVKAWSVARLSQKFPKADFAEVSKIVTDLTKV
HKECCHGDLLECADDRADLAKYICEHQDSISGKLKACCDKPLLQKSHCIAEVKEDDLPSDLPALAADFAEDKEICKHYKD
AKDVFLGTFLYEYSRRHPDYSVSLLLRIAKTYEATLEKCCAEADPPACYRTVFDQFTPLVEEPKSLVKKNCDLFEEVGEY
DFQNALIVRYTKKAPQVSTPTLVEIGRTLGKVGSRCCKLPESERLPCSENHLALALNRLCVLHEKTPVSEKITKCCTDSL
AERRPCFSALELDEGYVPKEFKAETFTFHADICTLPEDEKQIKKQSALAELVKHKPKATKEQLKTVLGNFSAFVAKCCGA
EDKEACFAEEGPKLVASSQLALA
;
_entity_poly.pdbx_strand_id   A
#
loop_
_chem_comp.id
_chem_comp.type
_chem_comp.name
_chem_comp.formula
FLC non-polymer 'CITRATE ANION' 'C6 H5 O7 -3'
TES non-polymer TESTOSTERONE 'C19 H28 O2'
#
# COMPACT_ATOMS: atom_id res chain seq x y z
N LYS A 4 7.49 -34.74 13.63
CA LYS A 4 7.68 -33.43 12.95
C LYS A 4 6.57 -32.45 13.36
N SER A 5 6.91 -31.55 14.27
CA SER A 5 5.98 -30.52 14.75
C SER A 5 6.27 -29.19 14.05
N GLU A 6 5.29 -28.70 13.29
CA GLU A 6 5.43 -27.43 12.58
CA GLU A 6 5.45 -27.43 12.58
C GLU A 6 5.63 -26.27 13.55
N ILE A 7 4.82 -26.23 14.61
CA ILE A 7 4.92 -25.15 15.60
C ILE A 7 6.26 -25.14 16.35
N ALA A 8 6.79 -26.33 16.64
CA ALA A 8 8.12 -26.47 17.25
C ALA A 8 9.21 -26.05 16.27
N HIS A 9 9.04 -26.46 15.02
CA HIS A 9 9.97 -26.11 13.96
C HIS A 9 10.09 -24.60 13.78
N ARG A 10 8.95 -23.91 13.76
CA ARG A 10 8.95 -22.44 13.63
C ARG A 10 9.47 -21.76 14.88
N PHE A 11 9.16 -22.32 16.05
CA PHE A 11 9.64 -21.77 17.31
C PHE A 11 11.17 -21.85 17.40
N ASN A 12 11.72 -22.98 16.97
CA ASN A 12 13.18 -23.16 16.97
C ASN A 12 13.88 -22.23 15.99
N ASP A 13 13.31 -22.10 14.79
CA ASP A 13 13.90 -21.28 13.74
C ASP A 13 13.85 -19.79 14.05
N LEU A 14 12.69 -19.34 14.53
CA LEU A 14 12.46 -17.90 14.72
C LEU A 14 13.01 -17.38 16.04
N GLY A 15 12.93 -18.20 17.09
CA GLY A 15 13.28 -17.77 18.44
C GLY A 15 12.02 -17.28 19.11
N GLU A 16 12.00 -17.35 20.44
CA GLU A 16 10.80 -17.04 21.21
C GLU A 16 10.29 -15.61 20.99
N LYS A 17 11.21 -14.65 20.93
CA LYS A 17 10.82 -13.26 20.81
C LYS A 17 10.10 -12.95 19.50
N HIS A 18 10.71 -13.34 18.38
CA HIS A 18 10.07 -13.12 17.10
C HIS A 18 8.84 -14.01 16.90
N PHE A 19 8.89 -15.22 17.45
CA PHE A 19 7.74 -16.12 17.41
C PHE A 19 6.53 -15.45 18.04
N LYS A 20 6.70 -14.96 19.27
CA LYS A 20 5.62 -14.29 19.98
C LYS A 20 5.13 -13.02 19.28
N GLY A 21 6.07 -12.22 18.78
CA GLY A 21 5.73 -10.98 18.08
C GLY A 21 4.87 -11.25 16.86
N LEU A 22 5.28 -12.21 16.05
CA LEU A 22 4.53 -12.57 14.84
C LEU A 22 3.17 -13.17 15.17
N VAL A 23 3.10 -13.99 16.21
CA VAL A 23 1.83 -14.58 16.63
C VAL A 23 0.89 -13.49 17.12
N LEU A 24 1.42 -12.52 17.87
CA LEU A 24 0.62 -11.39 18.32
C LEU A 24 0.08 -10.59 17.15
N VAL A 25 0.95 -10.32 16.18
CA VAL A 25 0.53 -9.58 14.99
C VAL A 25 -0.58 -10.33 14.26
N ALA A 26 -0.36 -11.62 14.03
CA ALA A 26 -1.32 -12.44 13.30
C ALA A 26 -2.71 -12.41 13.94
N PHE A 27 -2.73 -12.55 15.26
CA PHE A 27 -3.98 -12.56 16.02
C PHE A 27 -4.67 -11.20 16.03
N SER A 28 -3.86 -10.13 16.11
CA SER A 28 -4.38 -8.77 16.04
C SER A 28 -5.06 -8.48 14.69
N GLN A 29 -4.47 -9.00 13.61
CA GLN A 29 -5.00 -8.80 12.26
C GLN A 29 -6.28 -9.57 12.01
N TYR A 30 -6.36 -10.79 12.54
CA TYR A 30 -7.56 -11.63 12.40
C TYR A 30 -8.72 -11.08 13.22
N LEU A 31 -8.46 -10.78 14.50
CA LEU A 31 -9.46 -10.23 15.41
C LEU A 31 -9.09 -8.81 15.80
N GLN A 32 -9.58 -7.84 15.03
CA GLN A 32 -9.14 -6.44 15.16
C GLN A 32 -9.80 -5.65 16.30
N GLN A 33 -10.86 -6.21 16.91
CA GLN A 33 -11.62 -5.49 17.94
C GLN A 33 -11.26 -5.90 19.38
N CYS A 34 -10.60 -7.04 19.54
CA CYS A 34 -10.26 -7.55 20.89
C CYS A 34 -9.23 -6.66 21.58
N PRO A 35 -9.32 -6.55 22.92
CA PRO A 35 -8.36 -5.75 23.68
C PRO A 35 -6.98 -6.39 23.75
N PHE A 36 -5.96 -5.58 24.03
CA PHE A 36 -4.57 -6.02 24.04
C PHE A 36 -4.31 -7.19 25.00
N GLU A 37 -4.93 -7.15 26.17
CA GLU A 37 -4.74 -8.20 27.19
C GLU A 37 -5.23 -9.56 26.72
N ASP A 38 -6.38 -9.59 26.06
CA ASP A 38 -6.97 -10.83 25.52
C ASP A 38 -6.01 -11.54 24.56
N HIS A 39 -5.42 -10.77 23.64
CA HIS A 39 -4.50 -11.33 22.65
C HIS A 39 -3.21 -11.85 23.30
N VAL A 40 -2.65 -11.06 24.20
CA VAL A 40 -1.44 -11.46 24.95
C VAL A 40 -1.60 -12.83 25.58
N LYS A 41 -2.77 -13.08 26.19
CA LYS A 41 -3.06 -14.37 26.81
C LYS A 41 -3.00 -15.51 25.81
N LEU A 42 -3.60 -15.30 24.63
CA LEU A 42 -3.59 -16.32 23.57
C LEU A 42 -2.18 -16.56 23.03
N VAL A 43 -1.40 -15.49 22.90
CA VAL A 43 0.00 -15.60 22.45
C VAL A 43 0.78 -16.49 23.41
N ASN A 44 0.66 -16.19 24.71
CA ASN A 44 1.35 -16.97 25.75
C ASN A 44 0.92 -18.43 25.73
N GLU A 45 -0.38 -18.67 25.61
CA GLU A 45 -0.92 -20.03 25.54
C GLU A 45 -0.37 -20.80 24.33
N VAL A 46 -0.34 -20.14 23.18
CA VAL A 46 0.24 -20.73 21.96
C VAL A 46 1.73 -20.98 22.12
N THR A 47 2.44 -20.04 22.74
CA THR A 47 3.89 -20.16 22.91
C THR A 47 4.26 -21.25 23.91
N GLU A 48 3.49 -21.35 24.99
CA GLU A 48 3.67 -22.42 25.97
C GLU A 48 3.55 -23.79 25.32
N PHE A 49 2.59 -23.93 24.41
CA PHE A 49 2.39 -25.18 23.67
C PHE A 49 3.56 -25.48 22.75
N ALA A 50 4.05 -24.45 22.07
CA ALA A 50 5.22 -24.58 21.19
C ALA A 50 6.43 -25.11 21.94
N LYS A 51 6.66 -24.59 23.14
CA LYS A 51 7.76 -25.02 24.01
C LYS A 51 7.63 -26.49 24.40
N LYS A 52 6.42 -26.89 24.79
CA LYS A 52 6.11 -28.29 25.07
C LYS A 52 6.43 -29.19 23.88
N CYS A 53 6.01 -28.75 22.69
CA CYS A 53 6.27 -29.49 21.46
C CYS A 53 7.75 -29.53 21.11
N ALA A 54 8.45 -28.43 21.37
CA ALA A 54 9.90 -28.38 21.14
C ALA A 54 10.63 -29.41 22.01
N ALA A 55 10.14 -29.61 23.23
CA ALA A 55 10.70 -30.61 24.14
C ALA A 55 10.38 -32.04 23.69
N ASP A 56 9.15 -32.25 23.22
CA ASP A 56 8.71 -33.57 22.74
C ASP A 56 7.73 -33.41 21.58
N GLU A 57 8.23 -33.61 20.35
CA GLU A 57 7.46 -33.41 19.13
C GLU A 57 6.43 -34.53 18.88
N SER A 58 6.65 -35.68 19.52
CA SER A 58 5.70 -36.80 19.46
C SER A 58 4.47 -36.59 20.35
N ALA A 59 4.54 -35.59 21.23
CA ALA A 59 3.45 -35.28 22.17
C ALA A 59 2.12 -35.03 21.45
N GLU A 60 1.02 -35.22 22.19
CA GLU A 60 -0.31 -35.12 21.61
C GLU A 60 -0.59 -33.72 21.06
N ASN A 61 -1.17 -33.68 19.85
CA ASN A 61 -1.59 -32.44 19.18
C ASN A 61 -0.44 -31.56 18.63
N CYS A 62 0.81 -31.94 18.89
CA CYS A 62 1.96 -31.18 18.42
C CYS A 62 2.17 -31.30 16.91
N ASP A 63 1.63 -32.36 16.32
CA ASP A 63 1.77 -32.61 14.88
C ASP A 63 0.67 -31.96 14.02
N LYS A 64 -0.26 -31.24 14.65
CA LYS A 64 -1.30 -30.51 13.91
C LYS A 64 -0.71 -29.34 13.15
N SER A 65 -1.41 -28.90 12.11
CA SER A 65 -0.95 -27.76 11.29
C SER A 65 -1.05 -26.46 12.07
N LEU A 66 -0.25 -25.48 11.68
CA LEU A 66 -0.26 -24.16 12.32
C LEU A 66 -1.63 -23.50 12.20
N HIS A 67 -2.24 -23.61 11.02
CA HIS A 67 -3.57 -23.08 10.79
C HIS A 67 -4.62 -23.73 11.70
N THR A 68 -4.50 -25.05 11.89
CA THR A 68 -5.39 -25.76 12.80
C THR A 68 -5.21 -25.25 14.23
N LEU A 69 -3.96 -25.16 14.67
CA LEU A 69 -3.66 -24.74 16.04
C LEU A 69 -4.05 -23.29 16.32
N PHE A 70 -3.71 -22.40 15.40
CA PHE A 70 -4.00 -20.97 15.59
C PHE A 70 -5.47 -20.67 15.35
N GLY A 71 -6.07 -21.35 14.39
CA GLY A 71 -7.51 -21.24 14.15
C GLY A 71 -8.33 -21.72 15.33
N ASP A 72 -7.93 -22.86 15.91
CA ASP A 72 -8.56 -23.36 17.14
C ASP A 72 -8.45 -22.36 18.28
N LYS A 73 -7.31 -21.67 18.35
CA LYS A 73 -7.06 -20.70 19.40
C LYS A 73 -7.96 -19.48 19.30
N LEU A 74 -8.10 -18.94 18.09
CA LEU A 74 -8.95 -17.78 17.84
C LEU A 74 -10.42 -18.07 18.17
N CYS A 75 -10.83 -19.32 17.95
CA CYS A 75 -12.20 -19.73 18.21
C CYS A 75 -12.55 -19.92 19.70
N THR A 76 -11.55 -19.84 20.57
CA THR A 76 -11.77 -19.90 22.02
C THR A 76 -12.04 -18.51 22.63
N VAL A 77 -11.92 -17.45 21.82
CA VAL A 77 -12.07 -16.08 22.33
C VAL A 77 -13.48 -15.85 22.88
N ALA A 78 -13.54 -15.14 24.00
CA ALA A 78 -14.80 -14.87 24.69
C ALA A 78 -15.68 -13.90 23.89
N THR A 79 -17.00 -14.10 23.99
CA THR A 79 -17.99 -13.25 23.30
C THR A 79 -17.68 -13.12 21.82
N LEU A 80 -17.42 -14.25 21.16
CA LEU A 80 -17.06 -14.25 19.74
C LEU A 80 -18.25 -13.87 18.87
N ARG A 81 -19.43 -14.43 19.18
CA ARG A 81 -20.64 -14.18 18.39
C ARG A 81 -21.14 -12.74 18.51
N ALA A 82 -21.01 -12.16 19.71
CA ALA A 82 -21.47 -10.78 19.95
C ALA A 82 -20.56 -9.75 19.28
N THR A 83 -19.25 -9.86 19.53
CA THR A 83 -18.28 -8.93 18.96
C THR A 83 -18.07 -9.17 17.46
N TYR A 84 -17.92 -10.44 17.09
CA TYR A 84 -17.69 -10.82 15.70
C TYR A 84 -18.75 -11.83 15.24
N GLY A 85 -19.94 -11.34 14.91
CA GLY A 85 -21.05 -12.20 14.48
C GLY A 85 -20.75 -13.05 13.27
N GLU A 86 -19.94 -12.50 12.36
CA GLU A 86 -19.58 -13.18 11.12
C GLU A 86 -18.54 -14.26 11.38
N LEU A 87 -17.65 -14.02 12.34
CA LEU A 87 -16.51 -14.91 12.60
C LEU A 87 -16.87 -16.19 13.35
N ALA A 88 -17.98 -16.17 14.10
CA ALA A 88 -18.46 -17.36 14.79
C ALA A 88 -18.83 -18.46 13.78
N ASP A 89 -19.32 -18.04 12.61
CA ASP A 89 -19.66 -18.96 11.53
C ASP A 89 -18.44 -19.68 10.96
N CYS A 90 -17.31 -18.97 10.87
CA CYS A 90 -16.06 -19.58 10.40
C CYS A 90 -15.58 -20.68 11.34
N CYS A 91 -15.82 -20.52 12.64
CA CYS A 91 -15.33 -21.46 13.64
C CYS A 91 -15.98 -22.85 13.59
N GLU A 92 -17.16 -22.95 12.99
CA GLU A 92 -17.78 -24.25 12.73
C GLU A 92 -17.00 -25.03 11.67
N LYS A 93 -16.42 -24.31 10.71
CA LYS A 93 -15.69 -24.92 9.60
C LYS A 93 -14.33 -25.49 10.01
N GLN A 94 -13.82 -26.38 9.15
CA GLN A 94 -12.51 -27.01 9.33
C GLN A 94 -11.51 -26.35 8.38
N GLU A 95 -10.22 -26.57 8.63
CA GLU A 95 -9.16 -26.04 7.75
C GLU A 95 -9.08 -26.91 6.50
N PRO A 96 -8.73 -26.33 5.34
CA PRO A 96 -8.37 -24.91 5.19
C PRO A 96 -9.56 -23.96 4.96
N GLU A 97 -10.78 -24.50 5.01
CA GLU A 97 -11.98 -23.71 4.72
C GLU A 97 -12.16 -22.60 5.76
N ARG A 98 -11.81 -22.92 7.02
CA ARG A 98 -11.94 -21.98 8.13
C ARG A 98 -11.07 -20.74 7.93
N ASN A 99 -9.79 -20.96 7.61
CA ASN A 99 -8.85 -19.86 7.37
C ASN A 99 -9.30 -18.99 6.19
N GLU A 100 -9.85 -19.64 5.16
CA GLU A 100 -10.37 -18.93 3.99
C GLU A 100 -11.53 -18.02 4.42
N CYS A 101 -12.39 -18.53 5.30
CA CYS A 101 -13.48 -17.76 5.89
C CYS A 101 -12.93 -16.61 6.75
N PHE A 102 -11.89 -16.89 7.54
CA PHE A 102 -11.24 -15.87 8.36
C PHE A 102 -10.71 -14.70 7.53
N LEU A 103 -9.99 -15.03 6.46
CA LEU A 103 -9.37 -14.01 5.60
C LEU A 103 -10.39 -13.11 4.91
N THR A 104 -11.55 -13.65 4.57
CA THR A 104 -12.64 -12.87 3.97
C THR A 104 -13.06 -11.72 4.88
N HIS A 105 -13.06 -11.97 6.19
CA HIS A 105 -13.62 -11.02 7.16
C HIS A 105 -12.62 -10.04 7.78
N LYS A 106 -11.40 -10.00 7.25
CA LYS A 106 -10.46 -8.94 7.63
C LYS A 106 -11.01 -7.59 7.16
N ASP A 107 -11.00 -6.61 8.07
CA ASP A 107 -11.57 -5.30 7.80
C ASP A 107 -10.48 -4.27 7.48
N ASP A 108 -10.45 -3.83 6.22
CA ASP A 108 -9.48 -2.83 5.77
C ASP A 108 -9.75 -1.42 6.27
N HIS A 109 -10.94 -1.18 6.81
CA HIS A 109 -11.28 0.12 7.39
C HIS A 109 -12.10 -0.05 8.68
N PRO A 110 -11.41 -0.36 9.80
CA PRO A 110 -12.07 -0.53 11.10
C PRO A 110 -12.45 0.79 11.80
N ASN A 111 -11.91 1.90 11.32
CA ASN A 111 -12.25 3.24 11.83
C ASN A 111 -11.95 3.40 13.33
N LEU A 112 -10.76 2.96 13.72
CA LEU A 112 -10.33 3.04 15.11
C LEU A 112 -9.77 4.44 15.41
N PRO A 113 -9.72 4.82 16.69
CA PRO A 113 -9.22 6.15 17.08
C PRO A 113 -7.81 6.45 16.59
N LYS A 114 -7.51 7.73 16.46
CA LYS A 114 -6.18 8.18 16.06
C LYS A 114 -5.21 7.90 17.20
N LEU A 115 -3.94 7.71 16.86
CA LEU A 115 -2.95 7.28 17.84
C LEU A 115 -2.76 8.31 18.95
N LYS A 116 -2.66 9.59 18.58
CA LYS A 116 -2.59 10.69 19.55
C LYS A 116 -1.60 10.39 20.68
N PRO A 117 -0.30 10.34 20.36
CA PRO A 117 0.67 9.99 21.38
C PRO A 117 0.71 11.02 22.51
N GLU A 118 0.81 10.52 23.74
CA GLU A 118 0.95 11.35 24.92
C GLU A 118 2.34 11.01 25.50
N PRO A 119 3.36 11.82 25.14
CA PRO A 119 4.75 11.50 25.46
C PRO A 119 5.10 11.29 26.93
N ASP A 120 4.46 12.03 27.84
CA ASP A 120 4.71 11.84 29.28
C ASP A 120 4.19 10.49 29.76
N ALA A 121 2.95 10.16 29.41
CA ALA A 121 2.31 8.92 29.83
C ALA A 121 2.95 7.68 29.19
N GLN A 122 3.34 7.80 27.92
CA GLN A 122 3.93 6.70 27.18
C GLN A 122 5.36 6.38 27.60
N CYS A 123 6.16 7.42 27.88
CA CYS A 123 7.51 7.22 28.41
C CYS A 123 7.49 6.53 29.78
N ALA A 124 6.48 6.84 30.58
CA ALA A 124 6.27 6.18 31.86
C ALA A 124 5.96 4.69 31.64
N ALA A 125 4.97 4.42 30.79
CA ALA A 125 4.57 3.04 30.47
C ALA A 125 5.70 2.24 29.83
N PHE A 126 6.49 2.90 28.98
CA PHE A 126 7.68 2.28 28.37
C PHE A 126 8.69 1.87 29.44
N GLN A 127 9.00 2.79 30.34
CA GLN A 127 9.87 2.52 31.47
C GLN A 127 9.26 1.50 32.42
N GLU A 128 7.95 1.61 32.63
CA GLU A 128 7.20 0.72 33.52
C GLU A 128 7.23 -0.74 33.03
N ASP A 129 6.95 -0.94 31.75
CA ASP A 129 7.00 -2.27 31.13
C ASP A 129 7.23 -2.15 29.62
N PRO A 130 8.49 -2.28 29.17
CA PRO A 130 8.84 -2.15 27.75
C PRO A 130 8.22 -3.22 26.84
N ASP A 131 8.30 -4.49 27.24
CA ASP A 131 7.72 -5.59 26.47
C ASP A 131 6.24 -5.37 26.23
N LYS A 132 5.54 -4.95 27.28
CA LYS A 132 4.13 -4.58 27.18
C LYS A 132 3.92 -3.40 26.24
N PHE A 133 4.80 -2.40 26.36
CA PHE A 133 4.70 -1.17 25.56
C PHE A 133 4.93 -1.41 24.06
N LEU A 134 6.00 -2.13 23.73
CA LEU A 134 6.31 -2.45 22.33
C LEU A 134 5.29 -3.41 21.75
N GLY A 135 4.83 -4.36 22.58
CA GLY A 135 3.77 -5.28 22.18
C GLY A 135 2.47 -4.60 21.88
N LYS A 136 2.16 -3.58 22.69
CA LYS A 136 0.99 -2.74 22.48
C LYS A 136 1.05 -2.06 21.10
N TYR A 137 2.24 -1.58 20.73
CA TYR A 137 2.44 -0.92 19.43
C TYR A 137 2.20 -1.87 18.26
N LEU A 138 2.76 -3.08 18.33
CA LEU A 138 2.50 -4.11 17.32
C LEU A 138 1.01 -4.36 17.17
N TYR A 139 0.34 -4.50 18.31
CA TYR A 139 -1.09 -4.75 18.37
C TYR A 139 -1.91 -3.62 17.73
N GLU A 140 -1.58 -2.38 18.06
CA GLU A 140 -2.31 -1.21 17.55
C GLU A 140 -2.20 -1.08 16.04
N VAL A 141 -1.00 -1.26 15.50
CA VAL A 141 -0.76 -1.13 14.06
C VAL A 141 -1.35 -2.33 13.31
N ALA A 142 -1.14 -3.53 13.84
CA ALA A 142 -1.62 -4.76 13.21
C ALA A 142 -3.13 -4.77 12.98
N ARG A 143 -3.91 -4.38 14.01
CA ARG A 143 -5.36 -4.36 13.88
C ARG A 143 -5.86 -3.23 12.97
N ARG A 144 -5.09 -2.15 12.87
CA ARG A 144 -5.37 -1.07 11.91
C ARG A 144 -4.97 -1.45 10.49
N HIS A 145 -3.95 -2.30 10.37
CA HIS A 145 -3.44 -2.74 9.08
C HIS A 145 -3.39 -4.27 9.03
N PRO A 146 -4.55 -4.90 8.78
CA PRO A 146 -4.70 -6.37 8.85
C PRO A 146 -3.87 -7.17 7.83
N TYR A 147 -3.29 -6.48 6.84
CA TYR A 147 -2.43 -7.12 5.84
C TYR A 147 -0.98 -6.64 5.88
N PHE A 148 -0.63 -5.91 6.94
CA PHE A 148 0.73 -5.42 7.09
C PHE A 148 1.71 -6.58 7.06
N TYR A 149 2.83 -6.35 6.38
CA TYR A 149 3.89 -7.34 6.22
C TYR A 149 4.45 -7.70 7.60
N GLY A 150 4.14 -8.91 8.08
CA GLY A 150 4.41 -9.30 9.46
C GLY A 150 5.81 -9.02 9.97
N PRO A 151 6.83 -9.61 9.31
CA PRO A 151 8.23 -9.39 9.70
C PRO A 151 8.65 -7.93 9.71
N GLU A 152 8.10 -7.16 8.76
CA GLU A 152 8.42 -5.74 8.64
C GLU A 152 7.86 -4.92 9.80
N LEU A 153 6.74 -5.36 10.38
CA LEU A 153 6.16 -4.66 11.53
C LEU A 153 7.02 -4.82 12.79
N LEU A 154 7.71 -5.95 12.91
CA LEU A 154 8.69 -6.14 13.97
C LEU A 154 9.87 -5.19 13.80
N PHE A 155 10.28 -4.98 12.55
CA PHE A 155 11.34 -4.01 12.26
C PHE A 155 10.96 -2.60 12.71
N HIS A 156 9.71 -2.21 12.46
CA HIS A 156 9.24 -0.88 12.81
C HIS A 156 9.03 -0.72 14.33
N ALA A 157 8.73 -1.82 15.01
CA ALA A 157 8.67 -1.82 16.47
C ALA A 157 10.03 -1.52 17.10
N GLU A 158 11.10 -1.95 16.43
CA GLU A 158 12.47 -1.65 16.87
C GLU A 158 12.82 -0.17 16.69
N GLU A 159 12.38 0.40 15.57
CA GLU A 159 12.53 1.84 15.34
C GLU A 159 11.73 2.63 16.37
N TYR A 160 10.52 2.14 16.64
CA TYR A 160 9.63 2.71 17.67
C TYR A 160 10.29 2.64 19.06
N LYS A 161 11.00 1.55 19.34
CA LYS A 161 11.75 1.40 20.58
C LYS A 161 12.93 2.37 20.67
N ALA A 162 13.68 2.49 19.58
CA ALA A 162 14.85 3.37 19.54
C ALA A 162 14.50 4.84 19.71
N ASP A 163 13.31 5.22 19.25
CA ASP A 163 12.80 6.58 19.43
C ASP A 163 12.57 6.87 20.91
N PHE A 164 11.78 6.03 21.56
CA PHE A 164 11.48 6.19 23.00
C PHE A 164 12.73 6.01 23.88
N THR A 165 13.62 5.11 23.49
CA THR A 165 14.87 4.89 24.21
C THR A 165 15.76 6.13 24.19
N GLU A 166 15.87 6.78 23.03
CA GLU A 166 16.72 7.94 22.85
C GLU A 166 16.13 9.23 23.44
N CYS A 167 14.80 9.34 23.43
CA CYS A 167 14.13 10.62 23.66
C CYS A 167 13.48 10.81 25.03
N CYS A 168 13.08 9.72 25.70
CA CYS A 168 12.44 9.82 27.02
C CYS A 168 13.32 10.50 28.08
N PRO A 169 14.61 10.10 28.17
CA PRO A 169 15.50 10.74 29.16
C PRO A 169 15.97 12.16 28.80
N ALA A 170 15.75 12.59 27.56
CA ALA A 170 16.18 13.92 27.11
C ALA A 170 15.45 15.06 27.81
N ASP A 171 16.01 16.26 27.72
CA ASP A 171 15.47 17.44 28.40
C ASP A 171 14.14 17.89 27.80
N ASP A 172 14.16 18.19 26.50
CA ASP A 172 12.93 18.59 25.80
C ASP A 172 11.98 17.40 25.72
N LYS A 173 10.82 17.55 26.35
CA LYS A 173 9.86 16.43 26.50
C LYS A 173 9.38 15.88 25.17
N LEU A 174 8.92 16.77 24.29
CA LEU A 174 8.35 16.38 23.00
C LEU A 174 9.31 16.69 21.85
N ALA A 175 10.59 16.38 22.05
CA ALA A 175 11.62 16.63 21.03
C ALA A 175 11.60 15.58 19.92
N CYS A 176 10.84 14.51 20.12
CA CYS A 176 10.71 13.44 19.13
C CYS A 176 9.24 13.09 18.85
N LEU A 177 8.34 14.04 19.10
CA LEU A 177 6.92 13.87 18.80
C LEU A 177 6.69 14.04 17.30
N ILE A 178 6.80 15.27 16.82
CA ILE A 178 6.71 15.54 15.39
C ILE A 178 7.87 14.88 14.65
N PRO A 179 9.09 14.98 15.20
CA PRO A 179 10.24 14.42 14.49
C PRO A 179 10.20 12.89 14.33
N LYS A 180 9.96 12.16 15.40
CA LYS A 180 10.12 10.70 15.37
C LYS A 180 8.83 9.98 15.00
N LEU A 181 7.78 10.18 15.78
CA LEU A 181 6.54 9.42 15.60
C LEU A 181 5.79 9.75 14.31
N ASP A 182 5.81 11.02 13.88
CA ASP A 182 5.14 11.39 12.64
C ASP A 182 5.87 10.82 11.41
N ALA A 183 7.20 10.74 11.48
CA ALA A 183 7.98 10.12 10.43
C ALA A 183 7.71 8.61 10.36
N LEU A 184 7.71 7.95 11.52
CA LEU A 184 7.39 6.52 11.61
C LEU A 184 5.98 6.25 11.10
N LYS A 185 5.03 7.08 11.53
CA LYS A 185 3.63 7.01 11.07
C LYS A 185 3.55 7.05 9.53
N GLU A 186 4.36 7.90 8.92
CA GLU A 186 4.42 8.01 7.46
C GLU A 186 4.97 6.73 6.82
N ARG A 187 6.03 6.18 7.41
CA ARG A 187 6.63 4.95 6.90
C ARG A 187 5.69 3.75 7.08
N ILE A 188 4.93 3.74 8.18
CA ILE A 188 3.93 2.71 8.42
C ILE A 188 2.84 2.72 7.35
N LEU A 189 2.42 3.91 6.92
CA LEU A 189 1.37 4.04 5.90
C LEU A 189 1.85 3.55 4.54
N LEU A 190 3.01 4.03 4.10
CA LEU A 190 3.61 3.59 2.83
C LEU A 190 3.81 2.07 2.79
N SER A 191 4.42 1.54 3.85
CA SER A 191 4.70 0.10 3.94
C SER A 191 3.42 -0.71 3.88
N SER A 192 2.42 -0.28 4.63
CA SER A 192 1.10 -0.92 4.62
C SER A 192 0.50 -0.92 3.21
N ALA A 193 0.58 0.22 2.54
CA ALA A 193 0.02 0.38 1.19
C ALA A 193 0.73 -0.53 0.18
N LYS A 194 2.05 -0.64 0.29
CA LYS A 194 2.85 -1.49 -0.59
C LYS A 194 2.49 -2.97 -0.44
N GLU A 195 2.39 -3.43 0.80
CA GLU A 195 2.05 -4.84 1.06
C GLU A 195 0.60 -5.14 0.67
N ARG A 196 -0.30 -4.20 0.92
CA ARG A 196 -1.71 -4.39 0.57
C ARG A 196 -1.90 -4.59 -0.94
N LEU A 197 -1.11 -3.86 -1.74
CA LEU A 197 -1.12 -4.05 -3.20
C LEU A 197 -0.73 -5.47 -3.60
N LYS A 198 0.27 -6.01 -2.93
CA LYS A 198 0.72 -7.38 -3.18
C LYS A 198 -0.39 -8.38 -2.85
N CYS A 199 -1.01 -8.21 -1.68
CA CYS A 199 -2.11 -9.08 -1.26
C CYS A 199 -3.32 -8.91 -2.18
N SER A 200 -3.63 -7.67 -2.55
CA SER A 200 -4.71 -7.37 -3.52
C SER A 200 -4.45 -8.03 -4.88
N SER A 201 -3.18 -8.04 -5.31
CA SER A 201 -2.80 -8.65 -6.58
C SER A 201 -3.01 -10.17 -6.56
N PHE A 202 -2.60 -10.82 -5.48
CA PHE A 202 -2.89 -12.25 -5.29
C PHE A 202 -4.40 -12.48 -5.36
N GLN A 203 -5.14 -11.78 -4.52
CA GLN A 203 -6.58 -11.94 -4.40
CA GLN A 203 -6.58 -11.93 -4.41
C GLN A 203 -7.31 -11.73 -5.74
N ASN A 204 -7.06 -10.59 -6.37
CA ASN A 204 -7.82 -10.18 -7.54
C ASN A 204 -7.25 -10.60 -8.90
N PHE A 205 -5.94 -10.85 -8.98
CA PHE A 205 -5.29 -11.16 -10.25
C PHE A 205 -4.39 -12.41 -10.25
N GLY A 206 -4.15 -12.98 -9.08
CA GLY A 206 -3.42 -14.25 -8.97
C GLY A 206 -1.92 -14.09 -8.85
N GLU A 207 -1.27 -15.21 -8.52
CA GLU A 207 0.17 -15.30 -8.31
C GLU A 207 0.97 -14.90 -9.55
N ARG A 208 0.42 -15.20 -10.71
CA ARG A 208 1.01 -14.81 -12.00
C ARG A 208 1.29 -13.31 -12.08
N ALA A 209 0.33 -12.51 -11.62
CA ALA A 209 0.45 -11.06 -11.63
C ALA A 209 1.52 -10.56 -10.65
N VAL A 210 1.61 -11.22 -9.50
CA VAL A 210 2.59 -10.85 -8.47
C VAL A 210 4.01 -11.14 -8.93
N LYS A 211 4.20 -12.27 -9.60
CA LYS A 211 5.51 -12.64 -10.15
C LYS A 211 5.94 -11.68 -11.25
N ALA A 212 5.02 -11.33 -12.13
CA ALA A 212 5.28 -10.38 -13.23
C ALA A 212 5.76 -9.04 -12.68
N TRP A 213 4.99 -8.48 -11.76
CA TRP A 213 5.35 -7.24 -11.08
C TRP A 213 6.73 -7.35 -10.45
N SER A 214 6.99 -8.48 -9.78
CA SER A 214 8.24 -8.70 -9.07
C SER A 214 9.44 -8.86 -10.00
N VAL A 215 9.25 -9.52 -11.12
CA VAL A 215 10.31 -9.65 -12.14
C VAL A 215 10.74 -8.27 -12.64
N ALA A 216 9.76 -7.42 -12.95
CA ALA A 216 10.04 -6.07 -13.42
C ALA A 216 10.78 -5.23 -12.38
N ARG A 217 10.28 -5.23 -11.15
CA ARG A 217 10.89 -4.42 -10.09
C ARG A 217 12.28 -4.89 -9.71
N LEU A 218 12.47 -6.20 -9.56
CA LEU A 218 13.76 -6.75 -9.14
C LEU A 218 14.82 -6.69 -10.24
N SER A 219 14.39 -6.71 -11.49
CA SER A 219 15.30 -6.50 -12.62
C SER A 219 15.83 -5.06 -12.64
N GLN A 220 14.95 -4.10 -12.34
CA GLN A 220 15.33 -2.70 -12.18
C GLN A 220 16.35 -2.53 -11.05
N LYS A 221 16.08 -3.18 -9.92
CA LYS A 221 16.95 -3.12 -8.75
C LYS A 221 18.28 -3.83 -8.96
N PHE A 222 18.25 -5.01 -9.58
CA PHE A 222 19.43 -5.86 -9.75
C PHE A 222 19.76 -6.10 -11.23
N PRO A 223 20.11 -5.04 -11.97
CA PRO A 223 20.40 -5.21 -13.40
C PRO A 223 21.64 -6.06 -13.73
N LYS A 224 22.56 -6.21 -12.77
CA LYS A 224 23.73 -7.09 -12.95
C LYS A 224 23.35 -8.57 -12.92
N ALA A 225 22.28 -8.90 -12.19
CA ALA A 225 21.89 -10.29 -11.98
C ALA A 225 21.39 -10.96 -13.26
N ASP A 226 21.64 -12.27 -13.38
CA ASP A 226 21.13 -13.09 -14.48
C ASP A 226 19.62 -13.32 -14.33
N PHE A 227 18.98 -13.70 -15.43
CA PHE A 227 17.55 -14.01 -15.42
C PHE A 227 17.22 -15.16 -14.47
N ALA A 228 18.07 -16.19 -14.46
CA ALA A 228 17.90 -17.33 -13.56
C ALA A 228 17.99 -16.91 -12.09
N GLU A 229 18.86 -15.95 -11.81
CA GLU A 229 19.02 -15.40 -10.46
C GLU A 229 17.78 -14.60 -10.04
N VAL A 230 17.30 -13.74 -10.94
CA VAL A 230 16.09 -12.95 -10.68
C VAL A 230 14.88 -13.87 -10.52
N SER A 231 14.75 -14.87 -11.40
CA SER A 231 13.64 -15.82 -11.36
C SER A 231 13.63 -16.59 -10.04
N LYS A 232 14.82 -17.02 -9.62
CA LYS A 232 15.02 -17.68 -8.33
C LYS A 232 14.48 -16.81 -7.19
N ILE A 233 14.94 -15.55 -7.15
CA ILE A 233 14.55 -14.61 -6.11
C ILE A 233 13.05 -14.29 -6.16
N VAL A 234 12.52 -14.08 -7.37
CA VAL A 234 11.09 -13.79 -7.55
C VAL A 234 10.23 -14.96 -7.05
N THR A 235 10.61 -16.18 -7.41
CA THR A 235 9.90 -17.39 -6.95
C THR A 235 9.84 -17.45 -5.43
N ASP A 236 10.98 -17.24 -4.78
CA ASP A 236 11.06 -17.29 -3.32
C ASP A 236 10.32 -16.14 -2.65
N LEU A 237 10.49 -14.92 -3.18
CA LEU A 237 9.84 -13.74 -2.61
C LEU A 237 8.32 -13.79 -2.78
N THR A 238 7.86 -14.35 -3.90
CA THR A 238 6.43 -14.52 -4.14
C THR A 238 5.81 -15.47 -3.10
N LYS A 239 6.51 -16.56 -2.80
CA LYS A 239 6.04 -17.50 -1.79
C LYS A 239 5.96 -16.84 -0.42
N VAL A 240 6.95 -16.01 -0.11
CA VAL A 240 6.98 -15.27 1.15
C VAL A 240 5.73 -14.42 1.29
N HIS A 241 5.49 -13.54 0.32
CA HIS A 241 4.33 -12.65 0.35
C HIS A 241 3.00 -13.41 0.29
N LYS A 242 2.97 -14.52 -0.44
CA LYS A 242 1.78 -15.36 -0.49
C LYS A 242 1.42 -15.87 0.90
N GLU A 243 2.42 -16.37 1.62
CA GLU A 243 2.23 -16.85 2.98
C GLU A 243 1.79 -15.74 3.93
N CYS A 244 2.47 -14.59 3.88
CA CYS A 244 2.11 -13.45 4.74
C CYS A 244 0.71 -12.90 4.45
N CYS A 245 0.33 -12.84 3.17
CA CYS A 245 -1.00 -12.35 2.79
C CYS A 245 -2.13 -13.30 3.20
N HIS A 246 -1.80 -14.57 3.39
CA HIS A 246 -2.76 -15.59 3.82
C HIS A 246 -2.70 -15.90 5.31
N GLY A 247 -2.02 -15.05 6.07
CA GLY A 247 -1.95 -15.20 7.52
C GLY A 247 -0.98 -16.23 8.06
N ASP A 248 -0.13 -16.79 7.18
CA ASP A 248 0.90 -17.74 7.61
C ASP A 248 2.18 -16.97 7.95
N LEU A 249 2.12 -16.17 9.02
CA LEU A 249 3.21 -15.23 9.35
C LEU A 249 4.51 -15.88 9.82
N LEU A 250 4.42 -17.00 10.53
CA LEU A 250 5.62 -17.69 11.01
C LEU A 250 6.40 -18.27 9.82
N GLU A 251 5.69 -18.95 8.93
CA GLU A 251 6.31 -19.52 7.74
C GLU A 251 6.85 -18.41 6.83
N CYS A 252 6.08 -17.34 6.70
CA CYS A 252 6.51 -16.17 5.94
C CYS A 252 7.80 -15.56 6.46
N ALA A 253 7.87 -15.36 7.78
CA ALA A 253 9.06 -14.80 8.42
C ALA A 253 10.28 -15.71 8.24
N ASP A 254 10.04 -17.01 8.33
CA ASP A 254 11.12 -17.99 8.24
C ASP A 254 11.70 -18.04 6.82
N ASP A 255 10.82 -18.04 5.82
CA ASP A 255 11.23 -18.05 4.43
C ASP A 255 11.87 -16.73 4.01
N ARG A 256 11.44 -15.62 4.61
CA ARG A 256 12.05 -14.32 4.33
C ARG A 256 13.49 -14.28 4.83
N ALA A 257 13.73 -14.88 5.99
CA ALA A 257 15.09 -14.98 6.55
C ALA A 257 15.98 -15.83 5.65
N ASP A 258 15.43 -16.95 5.15
CA ASP A 258 16.15 -17.81 4.23
C ASP A 258 16.52 -17.08 2.93
N LEU A 259 15.62 -16.22 2.44
CA LEU A 259 15.86 -15.45 1.23
C LEU A 259 16.93 -14.37 1.43
N ALA A 260 16.85 -13.67 2.57
CA ALA A 260 17.85 -12.65 2.91
C ALA A 260 19.25 -13.24 2.98
N LYS A 261 19.35 -14.43 3.55
CA LYS A 261 20.62 -15.17 3.62
C LYS A 261 21.14 -15.53 2.23
N TYR A 262 20.25 -16.01 1.38
CA TYR A 262 20.62 -16.39 0.02
C TYR A 262 21.15 -15.20 -0.77
N ILE A 263 20.40 -14.09 -0.74
CA ILE A 263 20.78 -12.87 -1.44
C ILE A 263 22.15 -12.38 -1.00
N CYS A 264 22.41 -12.41 0.30
CA CYS A 264 23.69 -11.95 0.84
C CYS A 264 24.85 -12.90 0.54
N GLU A 265 24.57 -14.19 0.46
CA GLU A 265 25.56 -15.18 0.06
C GLU A 265 25.97 -15.04 -1.41
N HIS A 266 25.03 -14.57 -2.24
CA HIS A 266 25.26 -14.40 -3.68
C HIS A 266 25.27 -12.92 -4.10
N GLN A 267 25.63 -12.04 -3.18
CA GLN A 267 25.54 -10.60 -3.42
C GLN A 267 26.47 -10.08 -4.53
N ASP A 268 27.63 -10.71 -4.68
CA ASP A 268 28.59 -10.31 -5.71
C ASP A 268 28.01 -10.43 -7.12
N SER A 269 27.22 -11.48 -7.35
CA SER A 269 26.58 -11.70 -8.65
C SER A 269 25.21 -11.03 -8.78
N ILE A 270 24.69 -10.42 -7.71
CA ILE A 270 23.37 -9.82 -7.73
C ILE A 270 23.42 -8.29 -7.80
N SER A 271 24.08 -7.68 -6.82
CA SER A 271 24.18 -6.22 -6.77
C SER A 271 25.29 -5.72 -5.85
N GLY A 272 25.98 -4.67 -6.28
CA GLY A 272 27.02 -4.03 -5.48
C GLY A 272 26.47 -3.15 -4.36
N LYS A 273 25.16 -2.89 -4.39
CA LYS A 273 24.50 -2.06 -3.38
C LYS A 273 24.08 -2.85 -2.13
N LEU A 274 24.20 -4.18 -2.18
CA LEU A 274 23.73 -5.05 -1.10
C LEU A 274 24.71 -5.16 0.08
N LYS A 275 25.97 -4.76 -0.12
CA LYS A 275 27.00 -4.94 0.90
C LYS A 275 26.68 -4.24 2.22
N ALA A 276 26.13 -3.04 2.14
CA ALA A 276 25.72 -2.30 3.33
C ALA A 276 24.60 -3.03 4.07
N CYS A 277 23.61 -3.49 3.32
CA CYS A 277 22.48 -4.24 3.87
C CYS A 277 22.90 -5.55 4.53
N CYS A 278 23.86 -6.24 3.91
CA CYS A 278 24.22 -7.60 4.33
C CYS A 278 25.13 -7.65 5.56
N ASP A 279 25.62 -6.49 6.02
CA ASP A 279 26.39 -6.40 7.25
C ASP A 279 25.53 -5.83 8.39
N LYS A 280 24.27 -6.25 8.44
CA LYS A 280 23.31 -5.78 9.44
C LYS A 280 22.64 -6.95 10.16
N PRO A 281 21.90 -6.68 11.25
CA PRO A 281 21.10 -7.73 11.91
C PRO A 281 19.93 -8.20 11.05
N LEU A 282 19.27 -9.27 11.46
CA LEU A 282 18.25 -9.95 10.64
C LEU A 282 17.17 -9.01 10.09
N LEU A 283 16.34 -8.46 10.98
CA LEU A 283 15.23 -7.60 10.55
C LEU A 283 15.73 -6.40 9.75
N GLN A 284 16.85 -5.82 10.16
CA GLN A 284 17.45 -4.68 9.46
C GLN A 284 17.94 -5.06 8.08
N LYS A 285 18.60 -6.22 7.99
CA LYS A 285 19.13 -6.74 6.72
C LYS A 285 18.01 -6.92 5.70
N SER A 286 16.95 -7.62 6.11
CA SER A 286 15.80 -7.87 5.24
C SER A 286 15.15 -6.58 4.77
N HIS A 287 14.97 -5.63 5.69
CA HIS A 287 14.40 -4.33 5.35
C HIS A 287 15.27 -3.58 4.34
N CYS A 288 16.58 -3.58 4.56
CA CYS A 288 17.52 -2.89 3.68
C CYS A 288 17.54 -3.48 2.27
N ILE A 289 17.48 -4.81 2.18
CA ILE A 289 17.38 -5.51 0.89
C ILE A 289 16.09 -5.12 0.18
N ALA A 290 14.98 -5.13 0.92
CA ALA A 290 13.66 -4.81 0.37
C ALA A 290 13.58 -3.38 -0.16
N GLU A 291 14.30 -2.45 0.47
CA GLU A 291 14.31 -1.05 0.08
C GLU A 291 15.61 -0.62 -0.60
N VAL A 292 16.37 -1.59 -1.10
CA VAL A 292 17.71 -1.31 -1.63
C VAL A 292 17.66 -0.41 -2.86
N LYS A 293 18.66 0.45 -2.98
CA LYS A 293 18.81 1.32 -4.14
C LYS A 293 19.14 0.49 -5.37
N GLU A 294 18.69 0.96 -6.52
CA GLU A 294 18.94 0.28 -7.79
C GLU A 294 20.41 0.36 -8.16
N ASP A 295 20.96 -0.77 -8.62
CA ASP A 295 22.37 -0.87 -8.96
C ASP A 295 22.65 -0.12 -10.27
N ASP A 296 23.92 0.24 -10.48
CA ASP A 296 24.34 0.86 -11.73
C ASP A 296 24.17 -0.13 -12.88
N LEU A 297 23.82 0.38 -14.05
CA LEU A 297 23.66 -0.46 -15.24
C LEU A 297 25.02 -1.00 -15.67
N PRO A 298 25.11 -2.32 -15.93
CA PRO A 298 26.37 -2.87 -16.41
C PRO A 298 26.67 -2.43 -17.84
N SER A 299 27.95 -2.34 -18.18
CA SER A 299 28.38 -1.85 -19.49
C SER A 299 28.20 -2.89 -20.60
N ASP A 300 27.96 -4.15 -20.24
CA ASP A 300 27.75 -5.24 -21.19
C ASP A 300 26.27 -5.61 -21.39
N LEU A 301 25.36 -4.67 -21.14
CA LEU A 301 23.93 -4.88 -21.42
C LEU A 301 23.76 -5.17 -22.92
N PRO A 302 23.07 -6.27 -23.26
CA PRO A 302 22.95 -6.68 -24.65
C PRO A 302 21.92 -5.87 -25.43
N ALA A 303 22.16 -5.70 -26.73
CA ALA A 303 21.16 -5.11 -27.61
C ALA A 303 20.01 -6.09 -27.78
N LEU A 304 18.78 -5.60 -27.67
CA LEU A 304 17.60 -6.46 -27.64
C LEU A 304 16.92 -6.62 -29.01
N ALA A 305 17.27 -5.79 -29.97
CA ALA A 305 16.66 -5.84 -31.30
C ALA A 305 16.87 -7.21 -31.97
N ALA A 306 18.05 -7.79 -31.79
CA ALA A 306 18.39 -9.07 -32.40
C ALA A 306 17.47 -10.19 -31.93
N ASP A 307 17.41 -10.41 -30.62
CA ASP A 307 16.63 -11.50 -30.03
C ASP A 307 15.11 -11.28 -30.08
N PHE A 308 14.67 -10.05 -29.85
CA PHE A 308 13.25 -9.77 -29.65
C PHE A 308 12.52 -9.05 -30.79
N ALA A 309 13.26 -8.62 -31.83
CA ALA A 309 12.64 -7.98 -33.00
C ALA A 309 13.08 -8.54 -34.35
N GLU A 310 14.36 -8.90 -34.48
CA GLU A 310 14.95 -9.26 -35.78
C GLU A 310 15.13 -10.76 -36.01
N ASP A 311 15.14 -11.56 -34.93
CA ASP A 311 15.29 -13.02 -35.05
C ASP A 311 14.11 -13.62 -35.81
N LYS A 312 14.41 -14.52 -36.74
CA LYS A 312 13.40 -15.09 -37.63
C LYS A 312 12.55 -16.19 -36.98
N GLU A 313 13.02 -16.75 -35.87
CA GLU A 313 12.31 -17.82 -35.18
C GLU A 313 11.65 -17.37 -33.88
N ILE A 314 11.26 -16.10 -33.80
CA ILE A 314 10.61 -15.57 -32.59
C ILE A 314 9.27 -16.24 -32.34
N CYS A 315 8.49 -16.45 -33.40
CA CYS A 315 7.20 -17.13 -33.30
C CYS A 315 7.35 -18.55 -32.77
N LYS A 316 8.43 -19.23 -33.15
CA LYS A 316 8.73 -20.57 -32.65
C LYS A 316 9.05 -20.52 -31.16
N HIS A 317 9.93 -19.59 -30.77
CA HIS A 317 10.31 -19.42 -29.36
C HIS A 317 9.08 -19.05 -28.52
N TYR A 318 8.29 -18.11 -29.02
CA TYR A 318 7.09 -17.65 -28.35
C TYR A 318 6.08 -18.78 -28.13
N LYS A 319 5.89 -19.61 -29.16
CA LYS A 319 4.96 -20.74 -29.10
C LYS A 319 5.45 -21.87 -28.20
N ASP A 320 6.75 -22.16 -28.27
CA ASP A 320 7.35 -23.26 -27.51
C ASP A 320 7.36 -23.03 -25.99
N ALA A 321 7.57 -21.77 -25.59
CA ALA A 321 7.58 -21.41 -24.17
C ALA A 321 7.30 -19.92 -23.99
N LYS A 322 6.00 -19.58 -23.93
CA LYS A 322 5.57 -18.19 -23.83
C LYS A 322 6.06 -17.54 -22.53
N ASP A 323 5.82 -18.22 -21.41
CA ASP A 323 6.20 -17.71 -20.08
C ASP A 323 7.66 -17.32 -19.99
N VAL A 324 8.53 -18.22 -20.45
CA VAL A 324 9.98 -18.02 -20.36
C VAL A 324 10.44 -16.92 -21.33
N PHE A 325 9.93 -16.96 -22.55
CA PHE A 325 10.30 -15.97 -23.57
C PHE A 325 9.87 -14.56 -23.16
N LEU A 326 8.59 -14.41 -22.77
CA LEU A 326 8.07 -13.13 -22.29
C LEU A 326 8.72 -12.71 -20.98
N GLY A 327 8.98 -13.67 -20.10
CA GLY A 327 9.68 -13.42 -18.85
C GLY A 327 11.07 -12.84 -19.09
N THR A 328 11.79 -13.43 -20.05
CA THR A 328 13.12 -12.95 -20.42
C THR A 328 13.06 -11.53 -20.98
N PHE A 329 12.05 -11.26 -21.81
CA PHE A 329 11.87 -9.92 -22.36
C PHE A 329 11.63 -8.88 -21.26
N LEU A 330 10.70 -9.19 -20.36
CA LEU A 330 10.38 -8.30 -19.24
C LEU A 330 11.61 -8.03 -18.38
N TYR A 331 12.37 -9.07 -18.10
CA TYR A 331 13.64 -8.95 -17.37
C TYR A 331 14.63 -8.02 -18.08
N GLU A 332 14.84 -8.26 -19.38
CA GLU A 332 15.81 -7.49 -20.16
C GLU A 332 15.40 -6.02 -20.33
N TYR A 333 14.12 -5.77 -20.56
CA TYR A 333 13.63 -4.40 -20.77
C TYR A 333 13.58 -3.63 -19.44
N SER A 334 13.23 -4.32 -18.37
CA SER A 334 13.11 -3.68 -17.05
C SER A 334 14.47 -3.29 -16.45
N ARG A 335 15.46 -4.18 -16.55
CA ARG A 335 16.80 -3.88 -16.01
C ARG A 335 17.40 -2.65 -16.70
N ARG A 336 17.06 -2.50 -17.97
CA ARG A 336 17.47 -1.37 -18.80
C ARG A 336 16.76 -0.06 -18.46
N HIS A 337 15.59 -0.15 -17.83
CA HIS A 337 14.72 1.00 -17.61
C HIS A 337 14.30 1.20 -16.15
N PRO A 338 15.25 1.67 -15.30
CA PRO A 338 14.90 2.08 -13.94
C PRO A 338 14.11 3.40 -13.92
N ASP A 339 14.17 4.14 -15.02
CA ASP A 339 13.41 5.39 -15.19
C ASP A 339 11.93 5.17 -15.56
N TYR A 340 11.49 3.91 -15.62
CA TYR A 340 10.08 3.58 -15.90
C TYR A 340 9.41 3.06 -14.63
N SER A 341 8.10 3.28 -14.53
CA SER A 341 7.29 2.68 -13.48
C SER A 341 7.11 1.19 -13.77
N VAL A 342 6.78 0.42 -12.74
CA VAL A 342 6.61 -1.02 -12.88
C VAL A 342 5.40 -1.33 -13.76
N SER A 343 4.28 -0.64 -13.53
CA SER A 343 3.06 -0.86 -14.31
C SER A 343 3.26 -0.53 -15.79
N LEU A 344 4.06 0.50 -16.08
CA LEU A 344 4.43 0.83 -17.47
C LEU A 344 5.18 -0.32 -18.14
N LEU A 345 6.13 -0.91 -17.42
CA LEU A 345 6.88 -2.06 -17.93
C LEU A 345 5.96 -3.25 -18.18
N LEU A 346 5.00 -3.47 -17.29
CA LEU A 346 4.00 -4.53 -17.47
C LEU A 346 3.07 -4.25 -18.66
N ARG A 347 2.76 -2.98 -18.92
CA ARG A 347 1.98 -2.60 -20.09
C ARG A 347 2.80 -2.85 -21.36
N ILE A 348 4.07 -2.46 -21.33
CA ILE A 348 5.00 -2.69 -22.44
C ILE A 348 5.16 -4.19 -22.75
N ALA A 349 5.23 -5.01 -21.71
CA ALA A 349 5.30 -6.47 -21.87
C ALA A 349 4.03 -7.04 -22.49
N LYS A 350 2.88 -6.54 -22.06
CA LYS A 350 1.58 -6.93 -22.63
C LYS A 350 1.44 -6.52 -24.10
N THR A 351 2.01 -5.37 -24.46
CA THR A 351 1.98 -4.91 -25.86
C THR A 351 2.89 -5.77 -26.72
N TYR A 352 4.03 -6.18 -26.17
CA TYR A 352 4.95 -7.07 -26.87
C TYR A 352 4.26 -8.41 -27.14
N GLU A 353 3.66 -8.99 -26.11
CA GLU A 353 2.88 -10.24 -26.23
C GLU A 353 1.79 -10.10 -27.29
N ALA A 354 1.02 -9.02 -27.22
CA ALA A 354 -0.08 -8.78 -28.15
C ALA A 354 0.42 -8.66 -29.59
N THR A 355 1.57 -8.03 -29.78
CA THR A 355 2.17 -7.88 -31.10
C THR A 355 2.56 -9.25 -31.68
N LEU A 356 3.13 -10.12 -30.86
CA LEU A 356 3.51 -11.47 -31.31
C LEU A 356 2.29 -12.34 -31.58
N GLU A 357 1.27 -12.25 -30.74
CA GLU A 357 0.00 -12.98 -30.98
C GLU A 357 -0.58 -12.64 -32.35
N LYS A 358 -0.57 -11.35 -32.70
CA LYS A 358 -1.10 -10.89 -33.99
C LYS A 358 -0.18 -11.28 -35.14
N CYS A 359 1.08 -10.86 -35.05
CA CYS A 359 2.04 -11.04 -36.14
C CYS A 359 2.30 -12.50 -36.52
N CYS A 360 2.34 -13.39 -35.53
CA CYS A 360 2.62 -14.80 -35.77
C CYS A 360 1.44 -15.58 -36.38
N ALA A 361 0.25 -14.98 -36.36
CA ALA A 361 -0.91 -15.55 -37.04
C ALA A 361 -0.94 -15.17 -38.53
N GLU A 362 -0.25 -14.09 -38.89
CA GLU A 362 -0.22 -13.60 -40.27
C GLU A 362 0.76 -14.38 -41.14
N ALA A 363 0.72 -14.11 -42.45
CA ALA A 363 1.51 -14.86 -43.44
C ALA A 363 3.02 -14.63 -43.33
N ASP A 364 3.42 -13.39 -43.07
CA ASP A 364 4.84 -13.02 -42.94
C ASP A 364 5.10 -12.33 -41.60
N PRO A 365 5.30 -13.12 -40.53
CA PRO A 365 5.51 -12.54 -39.19
C PRO A 365 6.72 -11.61 -39.03
N PRO A 366 7.90 -11.97 -39.58
CA PRO A 366 9.08 -11.12 -39.38
C PRO A 366 8.87 -9.64 -39.75
N ALA A 367 8.29 -9.40 -40.93
CA ALA A 367 8.00 -8.04 -41.38
C ALA A 367 6.99 -7.32 -40.48
N CYS A 368 6.09 -8.10 -39.87
CA CYS A 368 5.10 -7.56 -38.93
C CYS A 368 5.73 -7.12 -37.60
N TYR A 369 6.42 -8.04 -36.92
CA TYR A 369 6.99 -7.73 -35.59
C TYR A 369 8.36 -7.01 -35.63
N ARG A 370 8.84 -6.68 -36.83
CA ARG A 370 10.10 -5.93 -36.97
C ARG A 370 10.06 -4.58 -36.24
N THR A 371 8.88 -3.95 -36.20
CA THR A 371 8.70 -2.65 -35.57
C THR A 371 8.06 -2.73 -34.18
N VAL A 372 8.24 -3.85 -33.47
CA VAL A 372 7.57 -4.07 -32.19
C VAL A 372 7.97 -3.06 -31.11
N PHE A 373 9.25 -2.67 -31.08
CA PHE A 373 9.72 -1.73 -30.06
CA PHE A 373 9.75 -1.71 -30.07
C PHE A 373 9.15 -0.33 -30.25
N ASP A 374 8.77 0.01 -31.48
CA ASP A 374 8.19 1.31 -31.80
C ASP A 374 6.76 1.49 -31.27
N GLN A 375 6.10 0.38 -30.95
CA GLN A 375 4.76 0.42 -30.35
C GLN A 375 4.81 0.87 -28.88
N PHE A 376 5.99 0.81 -28.27
CA PHE A 376 6.17 1.21 -26.87
C PHE A 376 6.19 2.72 -26.66
N THR A 377 6.61 3.46 -27.69
CA THR A 377 6.79 4.91 -27.58
C THR A 377 5.55 5.65 -27.04
N PRO A 378 4.35 5.42 -27.62
CA PRO A 378 3.16 6.08 -27.08
C PRO A 378 2.79 5.67 -25.64
N LEU A 379 3.17 4.46 -25.25
CA LEU A 379 2.95 4.01 -23.87
C LEU A 379 3.85 4.73 -22.88
N VAL A 380 5.04 5.13 -23.32
CA VAL A 380 6.00 5.84 -22.46
C VAL A 380 5.66 7.32 -22.35
N GLU A 381 5.24 7.92 -23.46
CA GLU A 381 4.96 9.36 -23.51
C GLU A 381 3.76 9.78 -22.65
N GLU A 382 2.71 8.95 -22.61
CA GLU A 382 1.48 9.30 -21.88
C GLU A 382 1.71 9.52 -20.37
N PRO A 383 2.33 8.55 -19.68
CA PRO A 383 2.62 8.78 -18.25
C PRO A 383 3.66 9.88 -18.01
N LYS A 384 4.66 10.01 -18.88
CA LYS A 384 5.66 11.08 -18.74
C LYS A 384 5.01 12.45 -18.81
N SER A 385 4.05 12.61 -19.73
CA SER A 385 3.28 13.83 -19.88
C SER A 385 2.44 14.12 -18.63
N LEU A 386 1.74 13.09 -18.13
CA LEU A 386 0.92 13.24 -16.93
C LEU A 386 1.73 13.72 -15.72
N VAL A 387 2.90 13.08 -15.51
CA VAL A 387 3.76 13.41 -14.38
C VAL A 387 4.35 14.82 -14.50
N LYS A 388 4.68 15.23 -15.72
CA LYS A 388 5.17 16.58 -15.97
C LYS A 388 4.10 17.63 -15.65
N LYS A 389 2.89 17.39 -16.14
CA LYS A 389 1.75 18.29 -15.88
C LYS A 389 1.43 18.39 -14.38
N ASN A 390 1.39 17.24 -13.71
CA ASN A 390 1.09 17.20 -12.28
C ASN A 390 2.18 17.89 -11.44
N CYS A 391 3.43 17.64 -11.78
CA CYS A 391 4.54 18.28 -11.06
C CYS A 391 4.63 19.79 -11.34
N ASP A 392 4.31 20.19 -12.58
CA ASP A 392 4.20 21.61 -12.93
C ASP A 392 3.15 22.30 -12.06
N LEU A 393 2.00 21.66 -11.90
CA LEU A 393 0.93 22.20 -11.08
C LEU A 393 1.33 22.24 -9.60
N PHE A 394 1.89 21.13 -9.09
CA PHE A 394 2.33 21.06 -7.71
C PHE A 394 3.31 22.18 -7.33
N GLU A 395 4.32 22.36 -8.17
CA GLU A 395 5.37 23.35 -7.92
C GLU A 395 4.87 24.79 -8.02
N GLU A 396 3.79 25.00 -8.79
CA GLU A 396 3.17 26.31 -8.91
C GLU A 396 2.31 26.65 -7.71
N VAL A 397 1.42 25.74 -7.32
CA VAL A 397 0.39 26.04 -6.32
C VAL A 397 0.63 25.45 -4.92
N GLY A 398 1.54 24.47 -4.82
CA GLY A 398 1.85 23.86 -3.53
C GLY A 398 0.90 22.72 -3.17
N GLU A 399 1.21 22.04 -2.06
CA GLU A 399 0.55 20.77 -1.72
C GLU A 399 -0.95 20.89 -1.48
N TYR A 400 -1.35 21.84 -0.65
CA TYR A 400 -2.76 22.02 -0.27
C TYR A 400 -3.66 22.20 -1.50
N ASP A 401 -3.30 23.15 -2.35
CA ASP A 401 -4.06 23.44 -3.57
C ASP A 401 -3.97 22.32 -4.60
N PHE A 402 -2.85 21.61 -4.61
CA PHE A 402 -2.66 20.46 -5.49
C PHE A 402 -3.57 19.30 -5.05
N GLN A 403 -3.61 19.06 -3.75
CA GLN A 403 -4.57 18.12 -3.15
C GLN A 403 -6.00 18.46 -3.56
N ASN A 404 -6.34 19.74 -3.45
CA ASN A 404 -7.69 20.21 -3.79
C ASN A 404 -8.04 19.94 -5.24
N ALA A 405 -7.09 20.20 -6.15
CA ALA A 405 -7.28 19.93 -7.58
C ALA A 405 -7.54 18.44 -7.84
N LEU A 406 -6.83 17.57 -7.11
CA LEU A 406 -7.00 16.12 -7.24
C LEU A 406 -8.33 15.65 -6.64
N ILE A 407 -8.76 16.28 -5.55
CA ILE A 407 -10.06 15.98 -4.94
C ILE A 407 -11.20 16.31 -5.91
N VAL A 408 -11.10 17.45 -6.58
CA VAL A 408 -12.07 17.83 -7.61
C VAL A 408 -12.00 16.83 -8.77
N ARG A 409 -10.79 16.52 -9.22
CA ARG A 409 -10.57 15.58 -10.31
C ARG A 409 -11.21 14.22 -10.05
N TYR A 410 -10.96 13.64 -8.88
CA TYR A 410 -11.44 12.30 -8.56
C TYR A 410 -12.90 12.25 -8.08
N THR A 411 -13.39 13.33 -7.46
CA THR A 411 -14.81 13.41 -7.10
C THR A 411 -15.68 13.46 -8.36
N LYS A 412 -15.20 14.14 -9.40
CA LYS A 412 -15.90 14.15 -10.69
C LYS A 412 -15.93 12.75 -11.31
N LYS A 413 -14.82 12.02 -11.22
CA LYS A 413 -14.73 10.65 -11.72
C LYS A 413 -15.65 9.69 -10.96
N ALA A 414 -15.74 9.87 -9.66
CA ALA A 414 -16.45 8.95 -8.78
C ALA A 414 -17.21 9.67 -7.67
N PRO A 415 -18.25 10.43 -8.04
CA PRO A 415 -19.00 11.22 -7.06
C PRO A 415 -19.88 10.39 -6.11
N GLN A 416 -20.02 9.10 -6.37
CA GLN A 416 -20.77 8.20 -5.49
C GLN A 416 -19.92 7.72 -4.31
N VAL A 417 -18.60 7.88 -4.42
CA VAL A 417 -17.68 7.48 -3.35
C VAL A 417 -17.84 8.43 -2.16
N SER A 418 -17.63 7.91 -0.96
CA SER A 418 -17.77 8.70 0.27
C SER A 418 -16.78 9.86 0.29
N THR A 419 -17.16 10.95 0.97
CA THR A 419 -16.31 12.13 1.07
C THR A 419 -14.99 11.85 1.80
N PRO A 420 -15.04 11.13 2.94
CA PRO A 420 -13.79 10.74 3.59
C PRO A 420 -12.81 9.99 2.69
N THR A 421 -13.34 9.11 1.83
CA THR A 421 -12.50 8.33 0.91
C THR A 421 -11.92 9.21 -0.21
N LEU A 422 -12.74 10.10 -0.76
CA LEU A 422 -12.27 11.03 -1.80
C LEU A 422 -11.21 11.99 -1.27
N VAL A 423 -11.40 12.48 -0.05
CA VAL A 423 -10.41 13.36 0.60
C VAL A 423 -9.12 12.60 0.88
N GLU A 424 -9.24 11.34 1.32
CA GLU A 424 -8.06 10.51 1.62
C GLU A 424 -7.18 10.34 0.39
N ILE A 425 -7.77 9.89 -0.72
CA ILE A 425 -7.02 9.68 -1.96
C ILE A 425 -6.45 10.99 -2.51
N GLY A 426 -7.23 12.06 -2.46
CA GLY A 426 -6.78 13.37 -2.93
C GLY A 426 -5.58 13.85 -2.14
N ARG A 427 -5.65 13.70 -0.82
CA ARG A 427 -4.56 14.08 0.07
C ARG A 427 -3.31 13.20 -0.09
N THR A 428 -3.53 11.90 -0.28
CA THR A 428 -2.42 10.97 -0.50
C THR A 428 -1.68 11.32 -1.79
N LEU A 429 -2.43 11.50 -2.88
CA LEU A 429 -1.84 11.84 -4.18
C LEU A 429 -1.19 13.22 -4.20
N GLY A 430 -1.64 14.12 -3.33
CA GLY A 430 -0.97 15.40 -3.14
C GLY A 430 0.40 15.25 -2.50
N LYS A 431 0.49 14.36 -1.51
CA LYS A 431 1.77 14.06 -0.85
C LYS A 431 2.75 13.37 -1.79
N VAL A 432 2.22 12.63 -2.77
CA VAL A 432 3.05 12.03 -3.82
C VAL A 432 3.78 13.13 -4.59
N GLY A 433 3.09 14.24 -4.84
CA GLY A 433 3.70 15.42 -5.46
C GLY A 433 4.90 15.91 -4.67
N SER A 434 4.71 16.08 -3.36
CA SER A 434 5.80 16.52 -2.47
C SER A 434 6.96 15.53 -2.46
N ARG A 435 6.63 14.24 -2.45
CA ARG A 435 7.64 13.19 -2.43
C ARG A 435 8.42 13.08 -3.73
N CYS A 436 7.71 13.07 -4.86
CA CYS A 436 8.29 12.67 -6.15
C CYS A 436 8.78 13.81 -7.03
N CYS A 437 8.11 14.96 -7.00
CA CYS A 437 8.43 16.05 -7.91
C CYS A 437 9.75 16.77 -7.61
N LYS A 438 10.24 16.62 -6.38
CA LYS A 438 11.54 17.19 -5.99
C LYS A 438 12.71 16.29 -6.37
N LEU A 439 12.44 15.01 -6.67
CA LEU A 439 13.48 14.06 -7.03
C LEU A 439 14.17 14.44 -8.34
N PRO A 440 15.34 13.83 -8.63
CA PRO A 440 15.94 13.97 -9.95
C PRO A 440 14.93 13.59 -11.05
N GLU A 441 15.09 14.20 -12.22
CA GLU A 441 14.05 14.16 -13.26
C GLU A 441 13.76 12.76 -13.76
N SER A 442 14.78 11.92 -13.85
CA SER A 442 14.62 10.54 -14.34
C SER A 442 13.88 9.63 -13.36
N GLU A 443 13.81 10.05 -12.10
CA GLU A 443 13.17 9.25 -11.04
C GLU A 443 11.72 9.66 -10.77
N ARG A 444 11.27 10.73 -11.41
CA ARG A 444 9.92 11.25 -11.17
C ARG A 444 8.82 10.28 -11.59
N LEU A 445 8.93 9.77 -12.81
CA LEU A 445 7.93 8.88 -13.37
C LEU A 445 7.74 7.62 -12.50
N PRO A 446 8.84 6.90 -12.22
CA PRO A 446 8.67 5.72 -11.36
C PRO A 446 8.08 6.05 -10.00
N CYS A 447 8.57 7.10 -9.34
CA CYS A 447 8.06 7.49 -8.03
C CYS A 447 6.57 7.80 -8.09
N SER A 448 6.18 8.61 -9.07
CA SER A 448 4.79 9.06 -9.18
C SER A 448 3.82 7.94 -9.49
N GLU A 449 4.10 7.16 -10.54
CA GLU A 449 3.21 6.08 -10.96
C GLU A 449 3.16 4.93 -9.95
N ASN A 450 4.31 4.58 -9.38
CA ASN A 450 4.36 3.50 -8.39
C ASN A 450 3.53 3.87 -7.14
N HIS A 451 3.65 5.12 -6.69
CA HIS A 451 2.85 5.59 -5.55
C HIS A 451 1.38 5.75 -5.91
N LEU A 452 1.11 6.15 -7.14
CA LEU A 452 -0.27 6.27 -7.64
C LEU A 452 -0.97 4.92 -7.61
N ALA A 453 -0.24 3.86 -7.98
CA ALA A 453 -0.76 2.49 -7.91
C ALA A 453 -1.19 2.10 -6.50
N LEU A 454 -0.44 2.57 -5.50
CA LEU A 454 -0.76 2.28 -4.10
C LEU A 454 -2.03 2.98 -3.66
N ALA A 455 -2.16 4.26 -4.02
CA ALA A 455 -3.34 5.06 -3.69
C ALA A 455 -4.60 4.56 -4.42
N LEU A 456 -4.44 4.17 -5.68
CA LEU A 456 -5.56 3.60 -6.44
C LEU A 456 -6.02 2.27 -5.87
N ASN A 457 -5.08 1.45 -5.38
CA ASN A 457 -5.44 0.18 -4.78
C ASN A 457 -6.22 0.36 -3.48
N ARG A 458 -5.80 1.34 -2.68
CA ARG A 458 -6.53 1.72 -1.47
C ARG A 458 -7.99 2.02 -1.79
N LEU A 459 -8.23 2.82 -2.82
CA LEU A 459 -9.57 3.14 -3.27
C LEU A 459 -10.32 1.87 -3.70
N CYS A 460 -9.67 1.03 -4.49
CA CYS A 460 -10.25 -0.24 -4.96
C CYS A 460 -10.59 -1.18 -3.82
N VAL A 461 -9.72 -1.26 -2.82
CA VAL A 461 -9.93 -2.14 -1.67
C VAL A 461 -11.15 -1.68 -0.85
N LEU A 462 -11.26 -0.37 -0.64
CA LEU A 462 -12.44 0.21 0.01
C LEU A 462 -13.71 -0.02 -0.83
N HIS A 463 -13.55 -0.01 -2.15
CA HIS A 463 -14.65 -0.23 -3.07
C HIS A 463 -15.17 -1.68 -3.07
N GLU A 464 -14.29 -2.64 -2.78
CA GLU A 464 -14.69 -4.04 -2.62
C GLU A 464 -15.65 -4.19 -1.45
N LYS A 465 -15.35 -3.47 -0.37
CA LYS A 465 -16.16 -3.46 0.84
C LYS A 465 -17.47 -2.71 0.62
N THR A 466 -17.38 -1.57 -0.07
CA THR A 466 -18.50 -0.66 -0.25
C THR A 466 -18.61 -0.24 -1.72
N PRO A 467 -19.17 -1.11 -2.57
CA PRO A 467 -19.26 -0.75 -3.99
C PRO A 467 -20.31 0.32 -4.21
N VAL A 468 -19.93 1.37 -4.95
CA VAL A 468 -20.83 2.47 -5.28
C VAL A 468 -20.86 2.82 -6.77
N SER A 469 -19.83 2.46 -7.53
CA SER A 469 -19.72 2.86 -8.93
C SER A 469 -19.25 1.73 -9.82
N GLU A 470 -19.99 1.50 -10.90
CA GLU A 470 -19.64 0.47 -11.88
C GLU A 470 -18.37 0.81 -12.64
N LYS A 471 -18.09 2.09 -12.83
CA LYS A 471 -16.86 2.52 -13.50
C LYS A 471 -15.64 2.21 -12.64
N ILE A 472 -15.77 2.37 -11.32
CA ILE A 472 -14.68 2.07 -10.39
C ILE A 472 -14.43 0.56 -10.36
N THR A 473 -15.49 -0.23 -10.31
CA THR A 473 -15.37 -1.69 -10.38
C THR A 473 -14.56 -2.11 -11.60
N LYS A 474 -14.94 -1.58 -12.76
CA LYS A 474 -14.28 -1.91 -14.02
C LYS A 474 -12.78 -1.61 -13.98
N CYS A 475 -12.42 -0.38 -13.63
CA CYS A 475 -10.99 -0.01 -13.55
C CYS A 475 -10.24 -0.84 -12.50
N CYS A 476 -10.91 -1.16 -11.40
CA CYS A 476 -10.26 -1.90 -10.31
C CYS A 476 -10.08 -3.39 -10.59
N THR A 477 -10.92 -3.97 -11.45
CA THR A 477 -10.91 -5.42 -11.66
C THR A 477 -10.52 -5.90 -13.06
N ASP A 478 -10.48 -5.00 -14.04
CA ASP A 478 -10.23 -5.43 -15.42
C ASP A 478 -8.80 -5.85 -15.69
N SER A 479 -7.84 -5.03 -15.27
CA SER A 479 -6.43 -5.31 -15.54
C SER A 479 -5.58 -4.53 -14.57
N LEU A 480 -4.67 -5.22 -13.90
CA LEU A 480 -3.81 -4.57 -12.94
C LEU A 480 -2.92 -3.54 -13.63
N ALA A 481 -2.31 -3.95 -14.75
CA ALA A 481 -1.40 -3.08 -15.48
C ALA A 481 -2.07 -1.82 -16.02
N GLU A 482 -3.30 -1.97 -16.52
CA GLU A 482 -4.05 -0.86 -17.13
C GLU A 482 -4.84 -0.02 -16.12
N ARG A 483 -4.68 -0.29 -14.83
CA ARG A 483 -5.47 0.36 -13.78
C ARG A 483 -5.32 1.89 -13.78
N ARG A 484 -4.09 2.39 -13.82
CA ARG A 484 -3.87 3.84 -13.73
C ARG A 484 -4.36 4.57 -14.99
N PRO A 485 -4.05 4.06 -16.20
CA PRO A 485 -4.64 4.64 -17.41
C PRO A 485 -6.18 4.59 -17.43
N CYS A 486 -6.77 3.54 -16.88
CA CYS A 486 -8.23 3.42 -16.79
C CYS A 486 -8.80 4.55 -15.92
N PHE A 487 -8.20 4.76 -14.76
CA PHE A 487 -8.63 5.82 -13.86
C PHE A 487 -8.41 7.21 -14.45
N SER A 488 -7.28 7.40 -15.14
CA SER A 488 -6.98 8.66 -15.82
C SER A 488 -7.99 8.98 -16.91
N ALA A 489 -8.46 7.94 -17.61
CA ALA A 489 -9.41 8.10 -18.71
C ALA A 489 -10.82 8.44 -18.25
N LEU A 490 -11.13 8.19 -16.99
CA LEU A 490 -12.45 8.51 -16.46
C LEU A 490 -12.70 10.02 -16.48
N GLU A 491 -13.92 10.39 -16.82
CA GLU A 491 -14.36 11.77 -16.81
C GLU A 491 -15.61 11.87 -15.95
N LEU A 492 -16.11 13.08 -15.78
CA LEU A 492 -17.30 13.31 -14.98
C LEU A 492 -18.40 12.35 -15.39
N ASP A 493 -18.93 11.64 -14.40
CA ASP A 493 -20.02 10.72 -14.62
C ASP A 493 -21.28 11.52 -14.92
N GLU A 494 -21.71 11.48 -16.17
CA GLU A 494 -22.93 12.16 -16.61
C GLU A 494 -24.19 11.46 -16.11
N GLY A 495 -24.08 10.16 -15.86
CA GLY A 495 -25.18 9.39 -15.29
C GLY A 495 -25.52 9.83 -13.88
N TYR A 496 -24.52 10.37 -13.18
CA TYR A 496 -24.69 10.88 -11.83
C TYR A 496 -25.70 12.01 -11.77
N VAL A 497 -26.56 11.95 -10.75
CA VAL A 497 -27.53 13.01 -10.46
C VAL A 497 -26.98 13.78 -9.27
N PRO A 498 -26.91 15.11 -9.38
CA PRO A 498 -26.32 15.90 -8.30
C PRO A 498 -26.92 15.61 -6.94
N LYS A 499 -26.05 15.53 -5.96
CA LYS A 499 -26.44 15.32 -4.58
C LYS A 499 -27.28 16.51 -4.12
N GLU A 500 -28.38 16.20 -3.44
CA GLU A 500 -29.31 17.21 -2.96
C GLU A 500 -28.60 18.15 -1.99
N PHE A 501 -28.91 19.44 -2.11
CA PHE A 501 -28.26 20.47 -1.30
C PHE A 501 -28.64 20.36 0.17
N LYS A 502 -27.63 20.37 1.03
CA LYS A 502 -27.83 20.48 2.48
C LYS A 502 -26.95 21.60 3.02
N ALA A 503 -27.58 22.66 3.51
CA ALA A 503 -26.86 23.83 4.01
C ALA A 503 -25.90 23.51 5.16
N GLU A 504 -26.30 22.58 6.03
CA GLU A 504 -25.50 22.20 7.20
C GLU A 504 -24.12 21.65 6.84
N THR A 505 -24.02 20.99 5.67
CA THR A 505 -22.76 20.46 5.17
C THR A 505 -21.70 21.55 4.96
N PHE A 506 -22.14 22.73 4.53
CA PHE A 506 -21.24 23.85 4.24
C PHE A 506 -21.25 24.92 5.34
N THR A 507 -21.84 24.59 6.49
CA THR A 507 -21.93 25.52 7.63
C THR A 507 -20.81 25.24 8.62
N PHE A 508 -19.93 26.22 8.81
CA PHE A 508 -18.81 26.10 9.73
C PHE A 508 -19.11 26.81 11.06
N HIS A 509 -18.45 26.35 12.12
CA HIS A 509 -18.63 26.91 13.46
C HIS A 509 -17.28 27.15 14.13
N ALA A 510 -17.31 27.76 15.31
CA ALA A 510 -16.09 28.19 16.02
C ALA A 510 -15.16 27.04 16.43
N ASP A 511 -15.68 25.82 16.49
CA ASP A 511 -14.89 24.63 16.81
C ASP A 511 -13.73 24.36 15.83
N ILE A 512 -13.86 24.81 14.58
CA ILE A 512 -12.81 24.60 13.58
C ILE A 512 -11.51 25.33 13.94
N CYS A 513 -11.63 26.46 14.63
CA CYS A 513 -10.49 27.33 14.94
C CYS A 513 -9.46 26.69 15.85
N THR A 514 -9.92 25.85 16.78
CA THR A 514 -9.03 25.20 17.76
C THR A 514 -8.27 24.00 17.19
N LEU A 515 -8.69 23.51 16.01
CA LEU A 515 -8.06 22.37 15.39
C LEU A 515 -6.65 22.66 14.90
N PRO A 516 -5.82 21.62 14.77
CA PRO A 516 -4.52 21.74 14.12
C PRO A 516 -4.67 21.94 12.62
N GLU A 517 -3.63 22.44 11.98
CA GLU A 517 -3.71 22.84 10.56
C GLU A 517 -4.19 21.74 9.64
N ASP A 518 -3.64 20.53 9.78
CA ASP A 518 -4.03 19.41 8.92
C ASP A 518 -5.52 19.05 9.05
N GLU A 519 -6.04 19.16 10.27
CA GLU A 519 -7.45 18.86 10.53
C GLU A 519 -8.39 19.94 10.00
N LYS A 520 -7.95 21.20 10.07
CA LYS A 520 -8.71 22.30 9.44
C LYS A 520 -8.81 22.11 7.93
N GLN A 521 -7.70 21.72 7.32
CA GLN A 521 -7.66 21.48 5.87
C GLN A 521 -8.65 20.41 5.46
N ILE A 522 -8.69 19.32 6.23
CA ILE A 522 -9.56 18.20 5.93
C ILE A 522 -11.03 18.60 5.98
N LYS A 523 -11.39 19.45 6.95
CA LYS A 523 -12.76 19.97 7.02
C LYS A 523 -13.13 20.77 5.78
N LYS A 524 -12.21 21.62 5.34
CA LYS A 524 -12.42 22.45 4.14
C LYS A 524 -12.41 21.60 2.88
N GLN A 525 -11.50 20.62 2.83
CA GLN A 525 -11.40 19.71 1.71
C GLN A 525 -12.61 18.76 1.63
N SER A 526 -13.18 18.43 2.77
CA SER A 526 -14.41 17.66 2.82
C SER A 526 -15.57 18.46 2.22
N ALA A 527 -15.64 19.75 2.57
CA ALA A 527 -16.64 20.66 2.00
C ALA A 527 -16.45 20.80 0.50
N LEU A 528 -15.19 20.87 0.05
CA LEU A 528 -14.87 20.95 -1.37
C LEU A 528 -15.41 19.75 -2.14
N ALA A 529 -15.20 18.55 -1.61
CA ALA A 529 -15.74 17.34 -2.22
C ALA A 529 -17.26 17.44 -2.34
N GLU A 530 -17.89 17.91 -1.27
CA GLU A 530 -19.35 18.05 -1.22
C GLU A 530 -19.86 19.12 -2.20
N LEU A 531 -19.09 20.19 -2.39
CA LEU A 531 -19.42 21.20 -3.39
C LEU A 531 -19.47 20.59 -4.78
N VAL A 532 -18.47 19.76 -5.09
CA VAL A 532 -18.41 19.09 -6.38
C VAL A 532 -19.60 18.13 -6.55
N LYS A 533 -19.96 17.42 -5.49
CA LYS A 533 -21.08 16.48 -5.54
C LYS A 533 -22.42 17.18 -5.84
N HIS A 534 -22.62 18.36 -5.28
CA HIS A 534 -23.84 19.12 -5.56
C HIS A 534 -23.80 19.85 -6.90
N LYS A 535 -22.62 20.32 -7.29
CA LYS A 535 -22.43 21.01 -8.58
C LYS A 535 -21.30 20.35 -9.37
N PRO A 536 -21.57 19.18 -9.96
CA PRO A 536 -20.53 18.40 -10.65
C PRO A 536 -19.98 19.01 -11.93
N LYS A 537 -20.75 19.89 -12.57
CA LYS A 537 -20.31 20.52 -13.82
C LYS A 537 -19.52 21.81 -13.60
N ALA A 538 -19.48 22.30 -12.36
CA ALA A 538 -18.68 23.48 -12.02
C ALA A 538 -17.21 23.21 -12.31
N THR A 539 -16.52 24.18 -12.88
CA THR A 539 -15.11 24.01 -13.26
C THR A 539 -14.23 24.06 -12.02
N LYS A 540 -13.04 23.47 -12.13
CA LYS A 540 -12.07 23.50 -11.04
C LYS A 540 -11.70 24.94 -10.64
N GLU A 541 -11.76 25.85 -11.61
CA GLU A 541 -11.47 27.27 -11.35
C GLU A 541 -12.56 27.94 -10.53
N GLN A 542 -13.82 27.64 -10.85
CA GLN A 542 -14.96 28.09 -10.04
C GLN A 542 -14.84 27.56 -8.60
N LEU A 543 -14.52 26.28 -8.47
CA LEU A 543 -14.43 25.61 -7.18
C LEU A 543 -13.30 26.17 -6.31
N LYS A 544 -12.15 26.41 -6.94
CA LYS A 544 -11.00 26.99 -6.24
C LYS A 544 -11.34 28.37 -5.66
N THR A 545 -12.03 29.19 -6.44
CA THR A 545 -12.44 30.53 -6.01
C THR A 545 -13.42 30.45 -4.83
N VAL A 546 -14.45 29.62 -4.97
CA VAL A 546 -15.45 29.45 -3.91
C VAL A 546 -14.79 28.95 -2.63
N LEU A 547 -13.88 27.99 -2.74
CA LEU A 547 -13.18 27.46 -1.56
C LEU A 547 -12.28 28.52 -0.92
N GLY A 548 -11.65 29.35 -1.75
CA GLY A 548 -10.88 30.48 -1.25
C GLY A 548 -11.73 31.42 -0.40
N ASN A 549 -12.96 31.68 -0.84
CA ASN A 549 -13.90 32.50 -0.10
C ASN A 549 -14.29 31.87 1.24
N PHE A 550 -14.46 30.55 1.25
CA PHE A 550 -14.70 29.81 2.49
C PHE A 550 -13.50 29.87 3.44
N SER A 551 -12.29 29.69 2.90
CA SER A 551 -11.07 29.77 3.69
C SER A 551 -10.87 31.13 4.33
N ALA A 552 -11.12 32.19 3.55
CA ALA A 552 -11.02 33.56 4.05
C ALA A 552 -12.03 33.82 5.16
N PHE A 553 -13.25 33.34 4.94
CA PHE A 553 -14.34 33.46 5.91
C PHE A 553 -13.99 32.76 7.23
N VAL A 554 -13.42 31.56 7.14
CA VAL A 554 -12.97 30.82 8.33
C VAL A 554 -11.82 31.56 9.02
N ALA A 555 -10.86 32.03 8.23
CA ALA A 555 -9.72 32.78 8.77
C ALA A 555 -10.16 34.01 9.56
N LYS A 556 -11.11 34.75 9.01
CA LYS A 556 -11.60 35.98 9.62
C LYS A 556 -12.34 35.73 10.93
N CYS A 557 -13.32 34.83 10.91
CA CYS A 557 -14.16 34.57 12.08
C CYS A 557 -13.40 33.84 13.21
N CYS A 558 -12.31 33.15 12.87
CA CYS A 558 -11.44 32.55 13.88
C CYS A 558 -10.55 33.59 14.58
N GLY A 559 -10.31 34.71 13.91
CA GLY A 559 -9.61 35.84 14.51
C GLY A 559 -10.52 36.85 15.20
N ALA A 560 -11.82 36.56 15.23
CA ALA A 560 -12.83 37.47 15.76
C ALA A 560 -12.93 37.41 17.28
N GLU A 561 -13.39 38.51 17.88
CA GLU A 561 -13.62 38.59 19.32
C GLU A 561 -14.75 37.64 19.71
N ASP A 562 -15.88 37.77 19.02
CA ASP A 562 -17.00 36.84 19.17
C ASP A 562 -17.02 35.92 17.95
N LYS A 563 -16.36 34.78 18.07
CA LYS A 563 -16.13 33.89 16.93
C LYS A 563 -17.42 33.32 16.35
N GLU A 564 -18.31 32.85 17.23
CA GLU A 564 -19.54 32.20 16.78
C GLU A 564 -20.54 33.16 16.14
N ALA A 565 -20.65 34.37 16.68
CA ALA A 565 -21.49 35.41 16.10
C ALA A 565 -21.03 35.76 14.69
N CYS A 566 -19.72 35.67 14.47
CA CYS A 566 -19.14 35.90 13.14
C CYS A 566 -19.54 34.79 12.17
N PHE A 567 -19.35 33.55 12.59
CA PHE A 567 -19.78 32.39 11.79
C PHE A 567 -21.27 32.41 11.50
N ALA A 568 -22.06 32.82 12.50
CA ALA A 568 -23.52 32.85 12.38
C ALA A 568 -24.02 33.90 11.38
N GLU A 569 -23.47 35.10 11.47
CA GLU A 569 -23.86 36.19 10.57
C GLU A 569 -23.35 35.97 9.15
N GLU A 570 -22.07 35.62 9.05
CA GLU A 570 -21.37 35.55 7.77
C GLU A 570 -21.67 34.28 6.96
N GLY A 571 -21.74 33.15 7.65
CA GLY A 571 -21.81 31.83 7.00
C GLY A 571 -22.95 31.64 6.00
N PRO A 572 -24.20 31.90 6.44
CA PRO A 572 -25.36 31.64 5.57
C PRO A 572 -25.35 32.41 4.24
N LYS A 573 -24.89 33.66 4.26
CA LYS A 573 -24.82 34.47 3.05
C LYS A 573 -23.84 33.83 2.06
N LEU A 574 -22.67 33.47 2.58
CA LEU A 574 -21.62 32.84 1.80
C LEU A 574 -22.06 31.48 1.26
N VAL A 575 -22.78 30.71 2.09
CA VAL A 575 -23.28 29.41 1.66
C VAL A 575 -24.24 29.58 0.49
N ALA A 576 -25.15 30.54 0.59
CA ALA A 576 -26.11 30.80 -0.48
C ALA A 576 -25.43 31.37 -1.72
N SER A 577 -24.54 32.34 -1.52
CA SER A 577 -23.85 33.01 -2.63
C SER A 577 -22.95 32.04 -3.40
N SER A 578 -22.31 31.12 -2.68
CA SER A 578 -21.41 30.13 -3.29
C SER A 578 -22.09 29.27 -4.35
N GLN A 579 -23.33 28.87 -4.12
CA GLN A 579 -24.09 28.06 -5.09
CA GLN A 579 -24.06 28.05 -5.10
C GLN A 579 -24.28 28.77 -6.43
N LEU A 580 -24.45 30.08 -6.39
CA LEU A 580 -24.60 30.89 -7.61
C LEU A 580 -23.30 30.90 -8.40
N ALA A 581 -22.19 30.94 -7.66
CA ALA A 581 -20.84 30.93 -8.24
C ALA A 581 -20.49 29.62 -8.95
N LEU A 582 -21.21 28.54 -8.62
CA LEU A 582 -20.92 27.22 -9.17
C LEU A 582 -21.87 26.80 -10.30
N ALA A 583 -22.68 27.73 -10.80
CA ALA A 583 -23.60 27.43 -11.90
C ALA A 583 -22.85 27.07 -13.18
CAC FLC B . 10.61 4.96 -26.67
CA FLC B . 11.07 5.53 -25.34
CB FLC B . 12.60 5.52 -25.22
CBC FLC B . 12.98 6.36 -24.02
CG FLC B . 13.15 4.11 -25.07
CGC FLC B . 14.65 4.06 -25.28
OA1 FLC B . 10.72 5.68 -27.68
OA2 FLC B . 10.14 3.81 -26.69
OB1 FLC B . 12.53 6.03 -22.90
OB2 FLC B . 13.73 7.35 -24.18
OG1 FLC B . 15.41 4.47 -24.37
OG2 FLC B . 15.08 3.60 -26.37
OHB FLC B . 13.16 6.12 -26.40
CAC FLC C . -8.56 2.72 10.56
CA FLC C . -7.13 2.56 10.08
CB FLC C . -6.90 3.12 8.68
CBC FLC C . -7.29 4.58 8.63
CG FLC C . -5.42 2.98 8.32
CGC FLC C . -5.16 3.35 6.87
OA1 FLC C . -8.74 2.91 11.78
OA2 FLC C . -9.50 2.65 9.74
OB1 FLC C . -6.73 5.38 9.41
OB2 FLC C . -8.18 4.94 7.82
OG1 FLC C . -4.79 4.51 6.62
OG2 FLC C . -5.31 2.48 6.00
OHB FLC C . -7.69 2.38 7.75
CAC FLC D . 9.56 4.23 -5.60
CA FLC D . 8.45 3.22 -5.41
CB FLC D . 8.96 1.97 -4.69
CBC FLC D . 9.19 2.24 -3.22
CG FLC D . 7.94 0.84 -4.85
CGC FLC D . 8.49 -0.54 -4.51
OA1 FLC D . 9.64 5.19 -4.81
OA2 FLC D . 10.36 4.06 -6.55
OB1 FLC D . 8.67 3.24 -2.68
OB2 FLC D . 9.89 1.44 -2.56
OG1 FLC D . 7.72 -1.35 -3.97
OG2 FLC D . 9.68 -0.82 -4.80
OHB FLC D . 10.21 1.59 -5.29
C1 TES E . 4.94 -16.09 -15.85
C2 TES E . 5.86 -16.87 -14.89
C3 TES E . 7.29 -16.56 -15.14
O3 TES E . 8.18 -17.38 -14.95
C4 TES E . 7.59 -15.22 -15.65
C5 TES E . 6.66 -14.28 -15.87
C6 TES E . 7.07 -12.87 -16.16
C7 TES E . 6.32 -12.29 -17.36
C8 TES E . 4.80 -12.43 -17.20
C9 TES E . 4.43 -13.92 -17.01
C10 TES E . 5.16 -14.57 -15.79
C11 TES E . 2.92 -14.14 -17.00
C12 TES E . 2.17 -13.47 -18.16
C13 TES E . 2.50 -11.98 -18.28
C14 TES E . 4.04 -11.86 -18.39
C15 TES E . 4.26 -10.41 -18.83
C16 TES E . 3.03 -10.08 -19.70
C17 TES E . 2.10 -11.30 -19.59
O17 TES E . 0.73 -10.91 -19.67
C18 TES E . 1.93 -11.20 -17.08
C19 TES E . 4.65 -14.03 -14.45
C1 TES F . 8.22 -10.47 23.33
C2 TES F . 7.02 -11.09 24.04
C3 TES F . 6.12 -10.05 24.59
O3 TES F . 5.47 -10.22 25.61
C4 TES F . 6.05 -8.79 23.86
C5 TES F . 6.74 -8.55 22.72
C6 TES F . 6.43 -7.34 21.89
C7 TES F . 7.70 -6.56 21.53
C8 TES F . 8.76 -7.46 20.90
C9 TES F . 9.09 -8.63 21.83
C10 TES F . 7.84 -9.48 22.22
C11 TES F . 10.27 -9.46 21.33
C12 TES F . 11.50 -8.64 20.95
C13 TES F . 11.17 -7.50 19.97
C14 TES F . 10.04 -6.67 20.61
C15 TES F . 9.98 -5.42 19.73
C16 TES F . 11.46 -5.18 19.33
C17 TES F . 12.23 -6.40 19.82
O17 TES F . 13.32 -6.73 18.94
C18 TES F . 10.80 -8.08 18.59
C19 TES F . 7.28 -10.26 21.01
#